data_6U87
#
_entry.id   6U87
#
_cell.length_a   34.656
_cell.length_b   47.035
_cell.length_c   101.239
_cell.angle_alpha   90.000
_cell.angle_beta   90.000
_cell.angle_gamma   90.000
#
_symmetry.space_group_name_H-M   'P 21 21 21'
#
loop_
_entity.id
_entity.type
_entity.pdbx_description
1 polymer HasAp
2 non-polymer 'PROTOPORPHYRIN IX CONTAINING FE'
3 water water
#
_entity_poly.entity_id   1
_entity_poly.type   'polypeptide(L)'
_entity_poly.pdbx_seq_one_letter_code
;MSISISYSTTYSGWTVADYLADWSAYFGDVNHRPGQVVDGSNTGGFNPGPFDGSQYALKSTASDAAFIAGGDLHHTLFSN
PSHTLWGKLDSIALGDTLTGGASSGGYALDSQEVSFSNLGLDSPIAQGRDGTVHKVVYGLMSGDSSALQGQIDALLKAVD
PSLSINSTFDQLAAAGVAHATPAAAAAEVGVVGVQELPHDLALAA
;
_entity_poly.pdbx_strand_id   A
#
loop_
_chem_comp.id
_chem_comp.type
_chem_comp.name
_chem_comp.formula
HEM non-polymer 'PROTOPORPHYRIN IX CONTAINING FE' 'C34 H32 Fe N4 O4'
#
# COMPACT_ATOMS: atom_id res chain seq x y z
N SER A 2 -2.12 9.11 14.93
CA SER A 2 -3.27 8.40 14.39
C SER A 2 -3.16 8.33 12.88
N ILE A 3 -3.84 7.34 12.30
CA ILE A 3 -3.88 7.20 10.84
C ILE A 3 -4.35 8.51 10.22
N SER A 4 -3.76 8.85 9.09
CA SER A 4 -4.16 10.00 8.31
C SER A 4 -4.43 9.56 6.88
N ILE A 5 -5.57 9.94 6.35
CA ILE A 5 -6.02 9.51 5.03
C ILE A 5 -6.14 10.73 4.14
N SER A 6 -5.62 10.63 2.92
CA SER A 6 -5.81 11.62 1.87
CA SER A 6 -5.83 11.62 1.89
C SER A 6 -6.64 10.98 0.77
N TYR A 7 -7.60 11.72 0.23
CA TYR A 7 -8.44 11.15 -0.80
C TYR A 7 -8.85 12.21 -1.82
N SER A 8 -8.80 11.86 -3.09
CA SER A 8 -9.38 12.72 -4.11
C SER A 8 -10.88 12.86 -3.87
N THR A 9 -11.41 14.07 -4.09
CA THR A 9 -12.84 14.31 -3.87
C THR A 9 -13.71 13.38 -4.69
N THR A 10 -13.17 12.83 -5.78
CA THR A 10 -13.87 11.82 -6.56
C THR A 10 -14.44 10.70 -5.69
N TYR A 11 -13.73 10.35 -4.62
CA TYR A 11 -14.11 9.20 -3.80
C TYR A 11 -14.77 9.59 -2.47
N SER A 12 -15.24 10.84 -2.35
CA SER A 12 -15.81 11.34 -1.10
CA SER A 12 -15.80 11.33 -1.09
C SER A 12 -16.90 10.44 -0.56
N GLY A 13 -17.77 9.93 -1.44
CA GLY A 13 -18.90 9.11 -1.03
C GLY A 13 -18.66 7.62 -0.97
N TRP A 14 -17.45 7.15 -1.26
CA TRP A 14 -17.12 5.75 -1.20
C TRP A 14 -16.73 5.36 0.22
N THR A 15 -17.03 4.11 0.59
CA THR A 15 -16.41 3.56 1.78
C THR A 15 -14.96 3.15 1.47
N VAL A 16 -14.14 3.13 2.52
CA VAL A 16 -12.76 2.70 2.34
C VAL A 16 -12.71 1.28 1.81
N ALA A 17 -13.54 0.39 2.37
CA ALA A 17 -13.55 -1.01 1.94
C ALA A 17 -13.94 -1.13 0.47
N ASP A 18 -14.96 -0.40 0.04
CA ASP A 18 -15.37 -0.50 -1.36
C ASP A 18 -14.29 0.06 -2.28
N TYR A 19 -13.67 1.18 -1.90
CA TYR A 19 -12.60 1.75 -2.71
C TYR A 19 -11.45 0.74 -2.87
N LEU A 20 -11.02 0.16 -1.76
CA LEU A 20 -9.87 -0.74 -1.80
C LEU A 20 -10.19 -2.04 -2.53
N ALA A 21 -11.39 -2.58 -2.32
CA ALA A 21 -11.76 -3.79 -3.05
C ALA A 21 -11.74 -3.54 -4.55
N ASP A 22 -12.28 -2.41 -4.98
CA ASP A 22 -12.34 -2.10 -6.41
CA ASP A 22 -12.33 -2.09 -6.41
C ASP A 22 -10.94 -1.79 -6.95
N TRP A 23 -10.14 -1.02 -6.21
CA TRP A 23 -8.81 -0.67 -6.69
C TRP A 23 -7.95 -1.92 -6.87
N SER A 24 -7.95 -2.80 -5.88
CA SER A 24 -7.11 -4.00 -5.95
CA SER A 24 -7.11 -4.00 -5.95
C SER A 24 -7.60 -4.98 -7.00
N ALA A 25 -8.91 -5.10 -7.18
CA ALA A 25 -9.42 -5.98 -8.23
C ALA A 25 -8.99 -5.48 -9.60
N TYR A 26 -9.02 -4.17 -9.81
CA TYR A 26 -8.59 -3.61 -11.08
C TYR A 26 -7.08 -3.72 -11.29
N PHE A 27 -6.29 -3.42 -10.24
CA PHE A 27 -4.84 -3.61 -10.29
C PHE A 27 -4.49 -5.04 -10.69
N GLY A 28 -5.18 -6.02 -10.08
N GLY A 28 -5.12 -6.02 -10.07
CA GLY A 28 -4.99 -7.41 -10.40
CA GLY A 28 -4.95 -7.39 -10.47
C GLY A 28 -3.86 -8.06 -9.64
C GLY A 28 -3.63 -8.02 -10.04
N ASP A 29 -3.65 -9.33 -9.95
CA ASP A 29 -2.53 -10.09 -9.41
C ASP A 29 -1.35 -10.02 -10.39
N VAL A 30 -0.18 -9.58 -9.92
CA VAL A 30 1.00 -9.56 -10.80
C VAL A 30 1.66 -10.93 -10.90
N ASN A 31 1.18 -11.92 -10.15
CA ASN A 31 1.70 -13.28 -10.23
C ASN A 31 3.16 -13.37 -9.83
N HIS A 32 3.47 -12.72 -8.71
CA HIS A 32 4.81 -12.72 -8.14
C HIS A 32 4.95 -13.97 -7.28
N ARG A 33 5.14 -15.11 -7.95
CA ARG A 33 5.08 -16.44 -7.36
C ARG A 33 6.17 -17.31 -7.96
N PRO A 34 6.51 -18.43 -7.32
CA PRO A 34 7.56 -19.31 -7.86
C PRO A 34 7.31 -19.69 -9.31
N GLY A 35 8.37 -19.61 -10.12
CA GLY A 35 8.29 -19.88 -11.54
C GLY A 35 7.75 -18.75 -12.38
N GLN A 36 7.26 -17.67 -11.77
CA GLN A 36 6.58 -16.63 -12.51
C GLN A 36 7.16 -15.25 -12.33
N VAL A 37 8.27 -15.11 -11.62
CA VAL A 37 8.83 -13.78 -11.38
C VAL A 37 9.69 -13.38 -12.57
N VAL A 38 9.40 -12.22 -13.13
CA VAL A 38 10.12 -11.67 -14.28
C VAL A 38 10.62 -10.29 -13.88
N ASP A 39 11.93 -10.15 -13.75
CA ASP A 39 12.50 -8.88 -13.32
C ASP A 39 12.14 -7.78 -14.30
N GLY A 40 11.79 -6.61 -13.76
CA GLY A 40 11.33 -5.50 -14.56
C GLY A 40 9.90 -5.61 -15.04
N SER A 41 9.26 -6.76 -14.86
CA SER A 41 7.86 -6.94 -15.23
CA SER A 41 7.86 -6.94 -15.23
C SER A 41 6.94 -7.03 -14.01
N ASN A 42 7.28 -7.87 -13.04
CA ASN A 42 6.42 -8.04 -11.88
C ASN A 42 7.18 -8.04 -10.56
N THR A 43 8.38 -7.46 -10.53
CA THR A 43 9.12 -7.37 -9.27
C THR A 43 8.86 -6.07 -8.52
N GLY A 44 8.48 -5.00 -9.21
CA GLY A 44 8.51 -3.70 -8.57
C GLY A 44 9.95 -3.28 -8.33
N GLY A 45 10.12 -2.24 -7.51
CA GLY A 45 11.45 -1.72 -7.26
C GLY A 45 11.50 -0.95 -5.97
N PHE A 46 12.70 -0.88 -5.41
CA PHE A 46 12.98 -0.14 -4.18
C PHE A 46 13.75 1.14 -4.48
N ASN A 47 13.50 2.15 -3.66
CA ASN A 47 14.31 3.36 -3.70
C ASN A 47 14.93 3.57 -2.33
N PRO A 48 16.28 3.65 -2.22
CA PRO A 48 17.20 3.61 -3.37
CA PRO A 48 17.27 3.60 -3.31
C PRO A 48 17.49 2.20 -3.89
N GLY A 49 17.10 1.17 -3.16
CA GLY A 49 17.36 -0.19 -3.60
C GLY A 49 18.80 -0.60 -3.41
N PRO A 50 19.17 -1.79 -3.93
CA PRO A 50 18.31 -2.65 -4.73
C PRO A 50 17.22 -3.41 -3.96
N PHE A 51 17.44 -3.69 -2.67
CA PHE A 51 16.51 -4.52 -1.91
C PHE A 51 16.13 -3.91 -0.57
N ASP A 52 16.36 -2.62 -0.40
CA ASP A 52 16.01 -1.88 0.81
C ASP A 52 15.71 -0.47 0.39
N GLY A 53 14.94 0.24 1.21
CA GLY A 53 14.85 1.67 1.02
C GLY A 53 13.62 2.26 1.68
N SER A 54 13.40 3.53 1.37
CA SER A 54 12.29 4.28 1.91
C SER A 54 11.01 4.09 1.11
N GLN A 55 11.09 3.52 -0.09
CA GLN A 55 9.90 3.22 -0.88
C GLN A 55 10.06 1.90 -1.60
N TYR A 56 8.94 1.20 -1.74
CA TYR A 56 8.79 0.09 -2.68
C TYR A 56 7.60 0.43 -3.55
N ALA A 57 7.74 0.32 -4.86
CA ALA A 57 6.66 0.68 -5.77
C ALA A 57 6.47 -0.39 -6.83
N LEU A 58 5.22 -0.56 -7.25
CA LEU A 58 4.90 -1.59 -8.24
C LEU A 58 3.73 -1.12 -9.09
N LYS A 59 3.86 -1.27 -10.39
CA LYS A 59 2.76 -1.03 -11.30
C LYS A 59 2.17 -2.36 -11.76
N SER A 60 0.88 -2.34 -12.06
CA SER A 60 0.20 -3.54 -12.54
C SER A 60 0.84 -4.05 -13.83
N THR A 61 0.76 -5.37 -14.02
CA THR A 61 1.31 -5.95 -15.26
C THR A 61 0.42 -5.70 -16.47
N ALA A 62 -0.80 -5.23 -16.27
CA ALA A 62 -1.76 -5.12 -17.36
C ALA A 62 -2.26 -3.70 -17.58
N SER A 63 -1.92 -2.75 -16.71
CA SER A 63 -2.36 -1.38 -16.91
C SER A 63 -1.44 -0.49 -16.10
N ASP A 64 -1.73 0.81 -16.10
CA ASP A 64 -0.89 1.75 -15.38
C ASP A 64 -1.29 1.96 -13.92
N ALA A 65 -2.20 1.16 -13.36
CA ALA A 65 -2.48 1.25 -11.93
C ALA A 65 -1.22 0.89 -11.14
N ALA A 66 -1.01 1.56 -10.01
CA ALA A 66 0.24 1.40 -9.29
C ALA A 66 0.06 1.80 -7.83
N PHE A 67 0.95 1.28 -6.98
CA PHE A 67 0.99 1.68 -5.58
C PHE A 67 2.41 1.92 -5.13
N ILE A 68 2.56 2.69 -4.05
CA ILE A 68 3.85 2.98 -3.44
C ILE A 68 3.70 2.75 -1.95
N ALA A 69 4.56 1.90 -1.39
CA ALA A 69 4.68 1.70 0.04
C ALA A 69 5.86 2.52 0.52
N GLY A 70 5.66 3.30 1.57
CA GLY A 70 6.70 4.17 2.11
C GLY A 70 7.01 3.83 3.55
N GLY A 71 8.27 3.93 3.92
CA GLY A 71 8.68 3.74 5.30
C GLY A 71 10.17 3.52 5.39
N ASP A 72 10.56 2.46 6.09
CA ASP A 72 11.95 2.03 6.23
C ASP A 72 11.90 0.53 5.98
N LEU A 73 12.07 0.13 4.73
CA LEU A 73 11.71 -1.20 4.28
C LEU A 73 12.96 -2.01 3.94
N HIS A 74 12.86 -3.31 4.18
CA HIS A 74 13.96 -4.24 3.97
C HIS A 74 13.40 -5.50 3.32
N HIS A 75 14.13 -6.04 2.36
CA HIS A 75 13.67 -7.25 1.69
C HIS A 75 14.77 -8.30 1.68
N THR A 76 14.44 -9.52 2.12
CA THR A 76 15.46 -10.55 2.32
C THR A 76 15.84 -11.29 1.04
N LEU A 77 14.98 -11.30 0.03
CA LEU A 77 15.20 -12.09 -1.19
C LEU A 77 15.58 -13.52 -0.85
N PHE A 78 16.81 -13.95 -1.17
CA PHE A 78 17.17 -15.34 -0.95
C PHE A 78 17.69 -15.64 0.46
N SER A 79 17.93 -14.61 1.28
CA SER A 79 18.44 -14.84 2.62
CA SER A 79 18.44 -14.81 2.62
C SER A 79 17.32 -15.20 3.59
N ASN A 80 17.67 -15.94 4.62
CA ASN A 80 16.68 -16.43 5.58
C ASN A 80 16.16 -15.28 6.44
N PRO A 81 14.83 -15.18 6.64
CA PRO A 81 13.75 -15.97 6.04
C PRO A 81 13.45 -15.46 4.64
N SER A 82 13.46 -16.35 3.67
CA SER A 82 13.48 -15.92 2.28
C SER A 82 12.20 -15.20 1.89
N HIS A 83 12.36 -14.30 0.93
CA HIS A 83 11.25 -13.61 0.28
C HIS A 83 10.32 -12.94 1.27
N THR A 84 10.91 -12.19 2.20
CA THR A 84 10.20 -11.45 3.23
C THR A 84 10.44 -9.96 3.06
N LEU A 85 9.37 -9.18 2.99
CA LEU A 85 9.46 -7.74 3.18
C LEU A 85 9.16 -7.43 4.64
N TRP A 86 10.06 -6.71 5.31
CA TRP A 86 9.90 -6.37 6.71
C TRP A 86 10.37 -4.94 6.91
N GLY A 87 10.31 -4.47 8.15
CA GLY A 87 10.74 -3.13 8.50
C GLY A 87 9.59 -2.30 9.03
N LYS A 88 9.61 -1.02 8.70
CA LYS A 88 8.60 -0.09 9.18
C LYS A 88 7.81 0.44 7.99
N LEU A 89 6.51 0.22 8.01
CA LEU A 89 5.62 0.69 6.95
C LEU A 89 4.82 1.87 7.49
N ASP A 90 5.04 3.04 6.91
CA ASP A 90 4.35 4.26 7.29
CA ASP A 90 4.34 4.25 7.30
C ASP A 90 3.19 4.60 6.38
N SER A 91 3.27 4.28 5.08
CA SER A 91 2.26 4.77 4.16
C SER A 91 2.04 3.81 2.99
N ILE A 92 0.82 3.86 2.46
CA ILE A 92 0.46 3.22 1.20
C ILE A 92 -0.26 4.27 0.37
N ALA A 93 0.23 4.52 -0.85
CA ALA A 93 -0.42 5.43 -1.79
C ALA A 93 -0.89 4.63 -2.99
N LEU A 94 -2.13 4.85 -3.41
CA LEU A 94 -2.75 4.13 -4.50
C LEU A 94 -3.18 5.09 -5.59
N GLY A 95 -3.01 4.67 -6.83
CA GLY A 95 -3.44 5.49 -7.95
C GLY A 95 -3.00 4.90 -9.26
N ASP A 96 -2.59 5.77 -10.19
CA ASP A 96 -2.04 5.26 -11.43
CA ASP A 96 -2.15 5.37 -11.54
C ASP A 96 -0.92 6.17 -11.93
N THR A 97 -0.21 5.65 -12.93
CA THR A 97 0.89 6.33 -13.60
C THR A 97 2.07 6.57 -12.65
N LEU A 98 2.76 5.48 -12.37
CA LEU A 98 3.95 5.53 -11.54
C LEU A 98 5.04 6.31 -12.27
N THR A 99 5.65 7.27 -11.57
CA THR A 99 6.75 8.07 -12.10
C THR A 99 7.97 7.91 -11.20
N GLY A 100 9.14 8.21 -11.75
CA GLY A 100 10.36 8.15 -10.98
C GLY A 100 10.92 6.76 -10.82
N GLY A 101 11.66 6.57 -9.74
CA GLY A 101 12.44 5.35 -9.57
C GLY A 101 13.76 5.69 -8.91
N ALA A 102 14.61 4.69 -8.72
CA ALA A 102 15.87 4.93 -8.04
C ALA A 102 16.71 5.98 -8.77
N SER A 103 16.70 5.98 -10.10
CA SER A 103 17.48 6.94 -10.86
C SER A 103 16.95 8.36 -10.77
N SER A 104 15.71 8.54 -10.31
CA SER A 104 15.12 9.86 -10.10
C SER A 104 15.18 10.30 -8.65
N GLY A 105 15.63 9.44 -7.74
CA GLY A 105 15.64 9.73 -6.33
C GLY A 105 14.35 9.42 -5.60
N GLY A 106 13.41 8.72 -6.23
CA GLY A 106 12.16 8.39 -5.57
C GLY A 106 11.07 8.16 -6.58
N TYR A 107 9.98 7.62 -6.07
CA TYR A 107 8.78 7.30 -6.85
C TYR A 107 7.65 8.24 -6.49
N ALA A 108 6.77 8.49 -7.45
CA ALA A 108 5.53 9.21 -7.18
C ALA A 108 4.48 8.77 -8.19
N LEU A 109 3.22 8.92 -7.80
CA LEU A 109 2.12 8.64 -8.72
C LEU A 109 1.72 9.94 -9.40
N ASP A 110 1.56 9.88 -10.72
CA ASP A 110 1.05 11.05 -11.45
C ASP A 110 -0.40 11.33 -11.09
N SER A 111 -1.17 10.29 -10.79
CA SER A 111 -2.56 10.44 -10.33
CA SER A 111 -2.56 10.43 -10.35
C SER A 111 -2.68 9.65 -9.04
N GLN A 112 -2.50 10.33 -7.92
CA GLN A 112 -2.68 9.70 -6.62
C GLN A 112 -4.15 9.80 -6.26
N GLU A 113 -4.80 8.67 -6.02
CA GLU A 113 -6.21 8.68 -5.65
C GLU A 113 -6.40 8.76 -4.15
N VAL A 114 -5.73 7.91 -3.40
CA VAL A 114 -5.92 7.77 -1.97
C VAL A 114 -4.57 7.41 -1.36
N SER A 115 -4.28 7.95 -0.19
CA SER A 115 -3.12 7.50 0.56
C SER A 115 -3.50 7.32 2.02
N PHE A 116 -2.86 6.35 2.65
CA PHE A 116 -3.02 6.05 4.08
C PHE A 116 -1.64 6.23 4.69
N SER A 117 -1.52 7.11 5.67
CA SER A 117 -0.22 7.39 6.27
CA SER A 117 -0.25 7.49 6.27
C SER A 117 -0.32 7.31 7.78
N ASN A 118 0.84 7.40 8.43
CA ASN A 118 0.95 7.18 9.88
C ASN A 118 0.47 5.79 10.24
N LEU A 119 0.76 4.80 9.40
CA LEU A 119 0.29 3.45 9.64
C LEU A 119 0.96 2.82 10.86
N GLY A 120 2.20 3.21 11.16
CA GLY A 120 2.89 2.74 12.35
C GLY A 120 3.11 1.24 12.41
N LEU A 121 3.19 0.57 11.27
CA LEU A 121 3.37 -0.87 11.23
C LEU A 121 4.85 -1.20 11.27
N ASP A 122 5.23 -2.06 12.22
CA ASP A 122 6.62 -2.41 12.44
CA ASP A 122 6.63 -2.42 12.44
C ASP A 122 6.70 -3.93 12.52
N SER A 123 7.46 -4.54 11.61
CA SER A 123 7.57 -6.00 11.54
C SER A 123 9.03 -6.44 11.63
N PRO A 124 9.42 -7.19 12.66
CA PRO A 124 10.80 -7.69 12.74
C PRO A 124 11.05 -8.76 11.70
N ILE A 125 12.32 -8.90 11.32
CA ILE A 125 12.69 -9.90 10.32
C ILE A 125 12.29 -11.31 10.77
N ALA A 126 12.36 -11.59 12.07
CA ALA A 126 12.12 -12.96 12.54
C ALA A 126 10.71 -13.44 12.27
N GLN A 127 9.73 -12.54 12.12
CA GLN A 127 8.38 -12.98 11.79
C GLN A 127 8.26 -13.47 10.36
N GLY A 128 9.25 -13.19 9.51
CA GLY A 128 9.24 -13.70 8.15
C GLY A 128 7.97 -13.25 7.44
N ARG A 129 7.43 -14.14 6.63
CA ARG A 129 6.26 -13.83 5.81
C ARG A 129 4.98 -13.72 6.61
N ASP A 130 5.01 -13.95 7.91
CA ASP A 130 3.86 -13.73 8.74
C ASP A 130 3.74 -12.30 9.22
N GLY A 131 4.78 -11.49 9.03
CA GLY A 131 4.74 -10.12 9.49
C GLY A 131 3.69 -9.30 8.77
N THR A 132 3.17 -8.31 9.48
CA THR A 132 2.11 -7.46 8.95
CA THR A 132 2.10 -7.49 8.92
C THR A 132 2.58 -6.67 7.73
N VAL A 133 3.81 -6.16 7.77
CA VAL A 133 4.34 -5.40 6.63
C VAL A 133 4.33 -6.28 5.38
N HIS A 134 4.84 -7.50 5.51
CA HIS A 134 4.86 -8.43 4.38
C HIS A 134 3.44 -8.70 3.88
N LYS A 135 2.53 -9.02 4.80
CA LYS A 135 1.18 -9.38 4.37
C LYS A 135 0.47 -8.23 3.67
N VAL A 136 0.65 -7.01 4.17
CA VAL A 136 0.01 -5.87 3.54
C VAL A 136 0.50 -5.70 2.11
N VAL A 137 1.82 -5.67 1.93
CA VAL A 137 2.37 -5.35 0.62
C VAL A 137 2.26 -6.53 -0.34
N TYR A 138 2.59 -7.74 0.12
CA TYR A 138 2.45 -8.89 -0.77
C TYR A 138 0.99 -9.10 -1.16
N GLY A 139 0.07 -8.82 -0.24
CA GLY A 139 -1.34 -8.83 -0.61
C GLY A 139 -1.63 -7.89 -1.77
N LEU A 140 -1.20 -6.64 -1.66
CA LEU A 140 -1.41 -5.69 -2.75
C LEU A 140 -0.79 -6.17 -4.06
N MET A 141 0.43 -6.72 -3.99
CA MET A 141 1.07 -7.26 -5.20
C MET A 141 0.22 -8.32 -5.85
N SER A 142 -0.53 -9.06 -5.04
CA SER A 142 -1.36 -10.16 -5.51
CA SER A 142 -1.36 -10.17 -5.47
C SER A 142 -2.81 -9.76 -5.74
N GLY A 143 -3.09 -8.46 -5.81
CA GLY A 143 -4.45 -7.99 -6.06
C GLY A 143 -5.41 -8.19 -4.92
N ASP A 144 -4.92 -8.24 -3.68
CA ASP A 144 -5.72 -8.58 -2.51
C ASP A 144 -5.44 -7.56 -1.41
N SER A 145 -6.38 -6.64 -1.20
CA SER A 145 -6.25 -5.59 -0.20
C SER A 145 -6.72 -6.00 1.19
N SER A 146 -7.02 -7.29 1.41
CA SER A 146 -7.59 -7.70 2.70
C SER A 146 -6.68 -7.34 3.86
N ALA A 147 -5.39 -7.63 3.75
CA ALA A 147 -4.48 -7.33 4.85
C ALA A 147 -4.42 -5.84 5.12
N LEU A 148 -4.33 -5.03 4.07
CA LEU A 148 -4.35 -3.58 4.24
C LEU A 148 -5.64 -3.13 4.92
N GLN A 149 -6.79 -3.65 4.45
CA GLN A 149 -8.08 -3.28 5.06
C GLN A 149 -8.09 -3.60 6.54
N GLY A 150 -7.57 -4.76 6.93
CA GLY A 150 -7.59 -5.12 8.34
C GLY A 150 -6.76 -4.18 9.20
N GLN A 151 -5.62 -3.73 8.67
CA GLN A 151 -4.77 -2.81 9.42
C GLN A 151 -5.42 -1.43 9.52
N ILE A 152 -6.02 -0.95 8.43
CA ILE A 152 -6.72 0.33 8.48
C ILE A 152 -7.87 0.27 9.46
N ASP A 153 -8.64 -0.83 9.43
CA ASP A 153 -9.78 -0.99 10.33
C ASP A 153 -9.35 -0.87 11.79
N ALA A 154 -8.26 -1.54 12.16
CA ALA A 154 -7.78 -1.44 13.54
C ALA A 154 -7.36 -0.01 13.89
N LEU A 155 -6.68 0.67 12.97
CA LEU A 155 -6.26 2.04 13.24
C LEU A 155 -7.46 2.98 13.37
N LEU A 156 -8.50 2.76 12.57
CA LEU A 156 -9.69 3.60 12.66
C LEU A 156 -10.44 3.37 13.96
N LYS A 157 -10.61 2.09 14.34
CA LYS A 157 -11.29 1.78 15.60
CA LYS A 157 -11.30 1.79 15.60
C LYS A 157 -10.56 2.39 16.79
N ALA A 158 -9.23 2.43 16.72
CA ALA A 158 -8.46 3.02 17.82
C ALA A 158 -8.74 4.51 17.97
N VAL A 159 -9.12 5.19 16.88
CA VAL A 159 -9.57 6.58 17.00
C VAL A 159 -10.95 6.64 17.65
N ASP A 160 -11.90 5.85 17.14
CA ASP A 160 -13.22 5.74 17.72
C ASP A 160 -13.86 4.47 17.19
N PRO A 161 -14.50 3.66 18.05
CA PRO A 161 -15.07 2.37 17.58
CA PRO A 161 -15.06 2.37 17.57
C PRO A 161 -16.17 2.52 16.56
N SER A 162 -16.75 3.71 16.39
CA SER A 162 -17.76 3.91 15.36
C SER A 162 -17.14 4.08 13.98
N LEU A 163 -15.84 4.28 13.89
CA LEU A 163 -15.16 4.45 12.62
C LEU A 163 -14.58 3.11 12.17
N SER A 164 -14.63 2.87 10.86
CA SER A 164 -14.20 1.58 10.34
C SER A 164 -13.96 1.73 8.84
N ILE A 165 -13.52 0.64 8.22
CA ILE A 165 -13.39 0.65 6.77
C ILE A 165 -14.73 0.77 6.08
N ASN A 166 -15.84 0.63 6.81
CA ASN A 166 -17.17 0.82 6.25
C ASN A 166 -17.65 2.26 6.34
N SER A 167 -16.85 3.15 6.93
CA SER A 167 -17.12 4.57 6.86
C SER A 167 -16.74 5.09 5.48
N THR A 168 -17.44 6.12 5.04
CA THR A 168 -17.04 6.81 3.82
C THR A 168 -15.87 7.76 4.11
N PHE A 169 -15.18 8.14 3.04
CA PHE A 169 -14.10 9.11 3.19
C PHE A 169 -14.62 10.42 3.78
N ASP A 170 -15.81 10.85 3.35
CA ASP A 170 -16.39 12.07 3.91
C ASP A 170 -16.68 11.93 5.40
N GLN A 171 -17.19 10.76 5.83
CA GLN A 171 -17.39 10.54 7.26
C GLN A 171 -16.07 10.58 8.02
N LEU A 172 -15.02 9.99 7.44
CA LEU A 172 -13.72 10.02 8.10
C LEU A 172 -13.14 11.42 8.14
N ALA A 173 -13.42 12.25 7.14
CA ALA A 173 -12.99 13.65 7.21
C ALA A 173 -13.71 14.38 8.33
N ALA A 174 -15.02 14.16 8.48
CA ALA A 174 -15.76 14.81 9.56
C ALA A 174 -15.24 14.36 10.92
N ALA A 175 -14.72 13.14 10.98
CA ALA A 175 -14.21 12.58 12.22
C ALA A 175 -12.75 12.92 12.49
N GLY A 176 -12.12 13.71 11.62
CA GLY A 176 -10.79 14.23 11.87
C GLY A 176 -9.63 13.37 11.40
N VAL A 177 -9.86 12.31 10.61
CA VAL A 177 -8.78 11.43 10.18
C VAL A 177 -8.51 11.47 8.68
N ALA A 178 -9.24 12.28 7.92
CA ALA A 178 -9.08 12.27 6.47
C ALA A 178 -9.20 13.67 5.92
N HIS A 179 -8.53 13.91 4.79
CA HIS A 179 -8.62 15.20 4.12
C HIS A 179 -8.68 14.98 2.61
N ALA A 180 -9.44 15.83 1.95
CA ALA A 180 -9.63 15.72 0.51
C ALA A 180 -8.55 16.46 -0.25
N THR A 181 -8.27 15.97 -1.46
CA THR A 181 -7.44 16.61 -2.45
C THR A 181 -8.28 16.88 -3.70
N PRO A 182 -7.86 17.81 -4.55
CA PRO A 182 -8.62 18.07 -5.79
C PRO A 182 -8.74 16.81 -6.64
N ALA A 183 -9.85 16.75 -7.39
CA ALA A 183 -10.15 15.60 -8.23
C ALA A 183 -9.13 15.41 -9.35
CHA HEM B . 9.35 -14.82 -5.03
CHB HEM B . 12.37 -11.47 -6.75
CHC HEM B . 10.00 -8.09 -4.25
CHD HEM B . 7.67 -11.57 -1.89
C1A HEM B . 10.37 -14.21 -5.68
C2A HEM B . 11.36 -14.88 -6.52
C3A HEM B . 12.19 -13.97 -7.00
C4A HEM B . 11.76 -12.67 -6.48
CMA HEM B . 13.41 -14.19 -7.93
CAA HEM B . 11.43 -16.42 -6.74
CBA HEM B . 10.71 -16.85 -8.00
CGA HEM B . 10.99 -18.32 -8.17
O1A HEM B . 10.95 -18.76 -9.34
O2A HEM B . 11.26 -19.03 -7.17
C1B HEM B . 11.98 -10.25 -6.25
C2B HEM B . 12.55 -8.97 -6.61
C3B HEM B . 11.87 -8.02 -5.92
C4B HEM B . 10.88 -8.69 -5.11
CMB HEM B . 13.70 -8.81 -7.62
CAB HEM B . 12.05 -6.49 -5.90
CBB HEM B . 13.14 -5.83 -6.33
C1C HEM B . 9.18 -8.73 -3.36
C2C HEM B . 8.40 -8.09 -2.32
C3C HEM B . 7.77 -9.07 -1.66
C4C HEM B . 8.13 -10.33 -2.27
CMC HEM B . 8.36 -6.55 -2.08
CAC HEM B . 6.79 -9.00 -0.48
CBC HEM B . 6.05 -7.94 -0.13
C1D HEM B . 7.89 -12.76 -2.55
C2D HEM B . 7.25 -14.02 -2.25
C3D HEM B . 7.71 -14.90 -3.13
C4D HEM B . 8.64 -14.25 -4.00
CMD HEM B . 6.24 -14.26 -1.11
CAD HEM B . 7.31 -16.40 -3.22
CBD HEM B . 8.25 -17.24 -2.38
CGD HEM B . 7.81 -18.69 -2.40
O1D HEM B . 8.69 -19.57 -2.40
O2D HEM B . 6.57 -18.93 -2.44
NA HEM B . 10.66 -12.87 -5.69
NB HEM B . 10.97 -10.05 -5.33
NC HEM B . 9.00 -10.10 -3.30
ND HEM B . 8.72 -12.93 -3.62
FE HEM B . 9.84 -11.48 -4.49
#